data_5O0H
#
_entry.id   5O0H
#
_cell.length_a   76.131
_cell.length_b   125.562
_cell.length_c   120.148
_cell.angle_alpha   90.000
_cell.angle_beta   90.000
_cell.angle_gamma   90.000
#
_symmetry.space_group_name_H-M   'C 2 2 21'
#
loop_
_entity.id
_entity.type
_entity.pdbx_description
1 polymer 'Phosphopantetheine adenylyltransferase'
2 non-polymer '2-(4-chloranyl-3-nitro-phenyl)carbonylbenzoic acid'
3 water water
#
_entity_poly.entity_id   1
_entity_poly.type   'polypeptide(L)'
_entity_poly.pdbx_seq_one_letter_code
;SMTGAVCPGSFDPVTLGHLDVFERAAAQFDEVIVAVLINPNKAGMFTVDERIEMIRESTADLPNLRVESGQGLLVDFVRE
RGLNAIVKGLRTGTDFEYELQMAQMNKHIAGVDTFFVATAPAYSFVSSSLAKEVATYGGDVSALLPASVHQRLLGKLRGQ
AQ
;
_entity_poly.pdbx_strand_id   A,B,C
#
loop_
_chem_comp.id
_chem_comp.type
_chem_comp.name
_chem_comp.formula
9FN non-polymer '2-(4-chloranyl-3-nitro-phenyl)carbonylbenzoic acid' 'C14 H8 Cl N O5'
#
# COMPACT_ATOMS: atom_id res chain seq x y z
N MET A 2 -27.38 27.00 -5.30
CA MET A 2 -28.16 25.78 -5.47
C MET A 2 -27.27 24.54 -5.43
N THR A 3 -26.43 24.37 -6.45
CA THR A 3 -25.57 23.20 -6.50
C THR A 3 -24.35 23.40 -5.63
N GLY A 4 -23.77 22.31 -5.17
CA GLY A 4 -22.63 22.42 -4.28
C GLY A 4 -21.90 21.12 -4.13
N ALA A 5 -20.61 21.23 -3.79
CA ALA A 5 -19.75 20.08 -3.59
C ALA A 5 -18.85 20.29 -2.39
N VAL A 6 -18.44 19.19 -1.75
CA VAL A 6 -17.45 19.24 -0.68
C VAL A 6 -16.14 18.64 -1.20
N CYS A 7 -15.03 19.30 -0.91
CA CYS A 7 -13.71 18.82 -1.29
C CYS A 7 -12.98 18.43 0.00
N PRO A 8 -12.94 17.13 0.32
CA PRO A 8 -12.40 16.69 1.61
C PRO A 8 -10.95 16.27 1.55
N GLY A 9 -10.30 16.35 2.70
CA GLY A 9 -8.93 15.91 2.83
C GLY A 9 -8.38 16.26 4.20
N SER A 10 -7.18 15.77 4.50
CA SER A 10 -6.54 16.15 5.74
CA SER A 10 -6.48 16.13 5.73
C SER A 10 -5.76 17.45 5.53
N PHE A 11 -5.30 17.66 4.30
CA PHE A 11 -4.59 18.89 3.88
C PHE A 11 -3.50 19.28 4.88
N ASP A 12 -2.54 18.38 5.03
CA ASP A 12 -1.51 18.51 6.06
C ASP A 12 -0.11 18.35 5.46
N PRO A 13 0.30 19.30 4.60
CA PRO A 13 -0.34 20.54 4.18
C PRO A 13 -1.09 20.39 2.85
N VAL A 14 -1.92 21.39 2.52
CA VAL A 14 -2.51 21.47 1.20
C VAL A 14 -1.36 21.56 0.14
N THR A 15 -1.59 20.90 -0.99
CA THR A 15 -0.64 20.84 -2.11
C THR A 15 -1.16 21.59 -3.32
N LEU A 16 -0.28 21.82 -4.29
CA LEU A 16 -0.71 22.44 -5.54
C LEU A 16 -1.77 21.59 -6.25
N GLY A 17 -1.65 20.27 -6.13
CA GLY A 17 -2.66 19.38 -6.68
C GLY A 17 -4.02 19.60 -6.07
N HIS A 18 -4.06 19.73 -4.74
CA HIS A 18 -5.32 19.95 -4.04
C HIS A 18 -5.95 21.24 -4.49
N LEU A 19 -5.13 22.27 -4.62
CA LEU A 19 -5.63 23.57 -5.02
C LEU A 19 -6.21 23.52 -6.42
N ASP A 20 -5.61 22.71 -7.31
CA ASP A 20 -6.14 22.54 -8.67
C ASP A 20 -7.57 21.98 -8.61
N VAL A 21 -7.76 21.00 -7.75
CA VAL A 21 -9.08 20.42 -7.54
C VAL A 21 -10.07 21.44 -7.00
N PHE A 22 -9.66 22.24 -6.00
CA PHE A 22 -10.57 23.25 -5.47
C PHE A 22 -11.04 24.20 -6.58
N GLU A 23 -10.09 24.68 -7.39
CA GLU A 23 -10.41 25.60 -8.49
C GLU A 23 -11.40 25.03 -9.49
N ARG A 24 -11.19 23.76 -9.84
CA ARG A 24 -12.06 23.10 -10.81
C ARG A 24 -13.44 22.85 -10.22
N ALA A 25 -13.49 22.51 -8.94
CA ALA A 25 -14.78 22.32 -8.31
C ALA A 25 -15.52 23.66 -8.22
N ALA A 26 -14.80 24.72 -7.85
CA ALA A 26 -15.40 26.04 -7.70
C ALA A 26 -15.90 26.60 -9.04
N ALA A 27 -15.29 26.18 -10.14
CA ALA A 27 -15.73 26.58 -11.48
C ALA A 27 -17.04 25.91 -11.90
N GLN A 28 -17.36 24.76 -11.31
CA GLN A 28 -18.47 23.95 -11.84
C GLN A 28 -19.63 23.78 -10.88
N PHE A 29 -19.51 24.31 -9.67
CA PHE A 29 -20.57 24.22 -8.65
CA PHE A 29 -20.60 24.24 -8.71
C PHE A 29 -20.83 25.59 -8.04
N ASP A 30 -22.06 25.84 -7.61
CA ASP A 30 -22.39 27.17 -7.08
C ASP A 30 -21.62 27.43 -5.81
N GLU A 31 -21.50 26.42 -4.96
CA GLU A 31 -20.69 26.59 -3.76
C GLU A 31 -19.77 25.40 -3.56
N VAL A 32 -18.62 25.65 -2.94
CA VAL A 32 -17.70 24.58 -2.60
C VAL A 32 -17.25 24.73 -1.16
N ILE A 33 -17.31 23.64 -0.44
CA ILE A 33 -16.77 23.64 0.90
C ILE A 33 -15.56 22.75 0.94
N VAL A 34 -14.42 23.32 1.31
CA VAL A 34 -13.25 22.51 1.61
C VAL A 34 -13.36 21.96 3.03
N ALA A 35 -13.43 20.65 3.16
CA ALA A 35 -13.56 20.03 4.48
C ALA A 35 -12.24 19.53 4.98
N VAL A 36 -11.70 20.18 6.01
CA VAL A 36 -10.44 19.75 6.56
C VAL A 36 -10.74 18.70 7.63
N LEU A 37 -10.50 17.44 7.31
CA LEU A 37 -10.95 16.38 8.22
C LEU A 37 -9.81 15.99 9.16
N ILE A 38 -10.08 16.10 10.44
CA ILE A 38 -9.09 15.97 11.50
C ILE A 38 -9.24 14.64 12.18
N ASN A 39 -8.12 14.00 12.44
CA ASN A 39 -8.11 12.83 13.31
C ASN A 39 -7.86 13.27 14.74
N PRO A 40 -8.85 13.10 15.62
CA PRO A 40 -8.71 13.65 16.98
C PRO A 40 -7.69 12.86 17.79
N ASN A 41 -7.16 11.80 17.20
CA ASN A 41 -6.19 10.94 17.88
C ASN A 41 -4.74 11.17 17.43
N LYS A 42 -4.52 11.35 16.13
CA LYS A 42 -3.18 11.61 15.64
C LYS A 42 -3.02 13.05 15.13
N ALA A 43 -2.29 13.84 15.90
CA ALA A 43 -1.97 15.19 15.49
C ALA A 43 -1.03 15.15 14.29
N GLY A 44 -1.38 15.89 13.24
CA GLY A 44 -0.53 15.94 12.06
C GLY A 44 0.61 16.93 12.28
N MET A 45 1.28 17.30 11.19
CA MET A 45 2.30 18.33 11.30
C MET A 45 1.71 19.69 11.70
N PHE A 46 0.56 20.00 11.13
CA PHE A 46 -0.04 21.31 11.32
C PHE A 46 -1.33 21.19 12.10
N THR A 47 -1.61 22.17 12.93
CA THR A 47 -2.87 22.24 13.66
C THR A 47 -4.01 22.57 12.70
N VAL A 48 -5.25 22.40 13.16
CA VAL A 48 -6.41 22.72 12.32
CA VAL A 48 -6.43 22.72 12.35
C VAL A 48 -6.44 24.17 11.88
N ASP A 49 -6.15 25.09 12.81
CA ASP A 49 -6.09 26.52 12.48
C ASP A 49 -5.09 26.76 11.36
N GLU A 50 -3.91 26.15 11.48
CA GLU A 50 -2.87 26.32 10.50
C GLU A 50 -3.26 25.75 9.14
N ARG A 51 -3.90 24.57 9.13
CA ARG A 51 -4.31 23.98 7.83
C ARG A 51 -5.29 24.88 7.11
N ILE A 52 -6.24 25.41 7.88
CA ILE A 52 -7.25 26.28 7.33
C ILE A 52 -6.66 27.56 6.80
N GLU A 53 -5.73 28.15 7.56
CA GLU A 53 -5.13 29.41 7.15
C GLU A 53 -4.35 29.23 5.84
N MET A 54 -3.62 28.13 5.67
CA MET A 54 -2.87 27.92 4.45
C MET A 54 -3.80 27.78 3.25
N ILE A 55 -4.93 27.10 3.47
CA ILE A 55 -5.87 26.89 2.38
C ILE A 55 -6.53 28.21 2.01
N ARG A 56 -6.97 28.96 3.03
CA ARG A 56 -7.61 30.25 2.76
C ARG A 56 -6.67 31.20 2.04
N GLU A 57 -5.39 31.19 2.39
CA GLU A 57 -4.46 32.09 1.72
C GLU A 57 -4.32 31.76 0.24
N SER A 58 -4.41 30.48 -0.10
CA SER A 58 -4.26 30.05 -1.50
C SER A 58 -5.53 30.08 -2.33
N THR A 59 -6.67 30.36 -1.71
CA THR A 59 -7.96 30.30 -2.39
C THR A 59 -8.72 31.61 -2.24
N ALA A 60 -7.99 32.67 -1.94
CA ALA A 60 -8.59 33.99 -1.75
C ALA A 60 -9.34 34.48 -3.00
N ASP A 61 -8.95 34.01 -4.18
CA ASP A 61 -9.58 34.41 -5.44
C ASP A 61 -10.81 33.57 -5.83
N LEU A 62 -11.24 32.66 -4.94
CA LEU A 62 -12.41 31.83 -5.23
C LEU A 62 -13.58 32.21 -4.31
N PRO A 63 -14.45 33.13 -4.76
CA PRO A 63 -15.42 33.70 -3.80
C PRO A 63 -16.51 32.75 -3.37
N ASN A 64 -16.72 31.66 -4.11
CA ASN A 64 -17.79 30.72 -3.76
C ASN A 64 -17.25 29.52 -2.98
N LEU A 65 -16.03 29.64 -2.50
CA LEU A 65 -15.41 28.56 -1.73
C LEU A 65 -15.26 28.97 -0.27
N ARG A 66 -15.59 28.06 0.65
CA ARG A 66 -15.30 28.29 2.07
C ARG A 66 -14.60 27.08 2.66
N VAL A 67 -13.94 27.30 3.81
CA VAL A 67 -13.14 26.26 4.44
C VAL A 67 -13.66 25.96 5.83
N GLU A 68 -13.93 24.69 6.12
CA GLU A 68 -14.42 24.27 7.45
C GLU A 68 -13.80 22.94 7.86
N SER A 69 -13.56 22.76 9.15
CA SER A 69 -13.03 21.49 9.62
C SER A 69 -14.13 20.55 10.12
N GLY A 70 -13.78 19.28 10.22
CA GLY A 70 -14.71 18.30 10.74
C GLY A 70 -14.01 17.02 11.11
N GLN A 71 -14.79 16.07 11.59
CA GLN A 71 -14.24 14.77 11.94
C GLN A 71 -15.33 13.72 11.83
N GLY A 72 -14.95 12.45 11.87
CA GLY A 72 -15.90 11.36 11.75
C GLY A 72 -16.32 11.13 10.30
N LEU A 73 -17.51 10.56 10.10
CA LEU A 73 -17.98 10.23 8.76
C LEU A 73 -18.14 11.43 7.87
N LEU A 74 -17.46 11.38 6.74
CA LEU A 74 -17.54 12.44 5.74
C LEU A 74 -18.97 12.63 5.25
N VAL A 75 -19.72 11.56 5.06
CA VAL A 75 -21.06 11.73 4.49
C VAL A 75 -21.96 12.53 5.46
N ASP A 76 -21.67 12.48 6.76
CA ASP A 76 -22.45 13.28 7.71
C ASP A 76 -22.13 14.76 7.55
N PHE A 77 -20.84 15.08 7.37
CA PHE A 77 -20.41 16.46 7.12
C PHE A 77 -21.11 17.01 5.89
N VAL A 78 -21.18 16.20 4.84
CA VAL A 78 -21.75 16.65 3.58
C VAL A 78 -23.26 16.86 3.71
N ARG A 79 -23.95 15.91 4.31
CA ARG A 79 -25.40 16.00 4.39
C ARG A 79 -25.86 17.10 5.34
N GLU A 80 -25.07 17.38 6.38
CA GLU A 80 -25.42 18.46 7.31
C GLU A 80 -25.41 19.85 6.64
N ARG A 81 -24.76 19.94 5.49
CA ARG A 81 -24.71 21.18 4.72
C ARG A 81 -25.69 21.20 3.56
N GLY A 82 -26.58 20.21 3.52
CA GLY A 82 -27.61 20.13 2.51
C GLY A 82 -27.06 19.76 1.15
N LEU A 83 -25.91 19.11 1.13
CA LEU A 83 -25.26 18.73 -0.12
C LEU A 83 -25.24 17.23 -0.26
N ASN A 84 -24.86 16.77 -1.44
CA ASN A 84 -24.84 15.36 -1.72
CA ASN A 84 -24.67 15.32 -1.55
C ASN A 84 -23.71 14.97 -2.67
N ALA A 85 -22.69 15.83 -2.83
CA ALA A 85 -21.57 15.51 -3.74
C ALA A 85 -20.22 15.84 -3.11
N ILE A 86 -19.26 14.98 -3.44
CA ILE A 86 -17.88 15.08 -2.99
C ILE A 86 -17.02 15.22 -4.26
N VAL A 87 -16.02 16.11 -4.28
CA VAL A 87 -15.10 16.23 -5.41
C VAL A 87 -13.66 16.02 -4.92
N LYS A 88 -12.98 15.07 -5.57
CA LYS A 88 -11.63 14.66 -5.24
C LYS A 88 -10.77 14.50 -6.50
N GLY A 89 -9.47 14.70 -6.35
CA GLY A 89 -8.56 14.46 -7.47
C GLY A 89 -8.09 13.01 -7.59
N LEU A 90 -7.69 12.62 -8.79
CA LEU A 90 -7.03 11.31 -8.98
C LEU A 90 -5.80 11.42 -9.87
N ARG A 91 -4.73 10.66 -9.59
CA ARG A 91 -3.54 10.71 -10.45
C ARG A 91 -3.34 9.42 -11.26
N THR A 92 -3.68 8.28 -10.67
CA THR A 92 -3.38 6.99 -11.26
C THR A 92 -4.56 6.04 -11.15
N GLY A 93 -4.50 4.94 -11.89
CA GLY A 93 -5.46 3.86 -11.74
C GLY A 93 -5.42 3.32 -10.30
N THR A 94 -4.24 3.36 -9.69
CA THR A 94 -4.04 3.02 -8.28
C THR A 94 -4.96 3.83 -7.37
N ASP A 95 -4.91 5.15 -7.50
CA ASP A 95 -5.73 6.06 -6.69
C ASP A 95 -7.20 5.77 -6.86
N PHE A 96 -7.62 5.62 -8.11
CA PHE A 96 -9.01 5.39 -8.40
C PHE A 96 -9.52 4.13 -7.71
N GLU A 97 -8.68 3.11 -7.62
CA GLU A 97 -9.10 1.84 -7.04
C GLU A 97 -9.39 1.95 -5.53
N TYR A 98 -8.50 2.57 -4.76
CA TYR A 98 -8.78 2.77 -3.34
C TYR A 98 -9.90 3.80 -3.10
N GLU A 99 -10.05 4.76 -4.01
CA GLU A 99 -11.07 5.78 -3.78
C GLU A 99 -12.44 5.29 -4.18
N LEU A 100 -12.46 4.39 -5.17
CA LEU A 100 -13.69 3.80 -5.66
C LEU A 100 -14.40 3.10 -4.52
N GLN A 101 -13.62 2.44 -3.66
CA GLN A 101 -14.18 1.70 -2.53
C GLN A 101 -14.96 2.59 -1.58
N MET A 102 -14.33 3.70 -1.17
CA MET A 102 -14.96 4.67 -0.30
C MET A 102 -16.12 5.37 -0.98
N ALA A 103 -15.96 5.66 -2.27
CA ALA A 103 -17.03 6.33 -3.01
C ALA A 103 -18.25 5.43 -3.06
N GLN A 104 -18.03 4.14 -3.33
CA GLN A 104 -19.15 3.21 -3.42
C GLN A 104 -19.78 3.02 -2.05
N MET A 105 -18.94 2.98 -1.01
CA MET A 105 -19.47 2.85 0.34
C MET A 105 -20.30 4.08 0.68
N ASN A 106 -19.78 5.27 0.37
CA ASN A 106 -20.46 6.51 0.69
C ASN A 106 -21.79 6.64 -0.04
N LYS A 107 -21.85 6.15 -1.28
CA LYS A 107 -23.09 6.19 -2.02
C LYS A 107 -24.10 5.24 -1.34
N HIS A 108 -23.60 4.07 -0.97
CA HIS A 108 -24.41 3.03 -0.35
C HIS A 108 -25.03 3.48 0.97
N ILE A 109 -24.23 4.10 1.85
CA ILE A 109 -24.74 4.42 3.19
C ILE A 109 -25.46 5.76 3.30
N ALA A 110 -25.25 6.70 2.38
CA ALA A 110 -25.86 8.01 2.53
C ALA A 110 -26.36 8.64 1.24
N GLY A 111 -26.16 7.95 0.13
CA GLY A 111 -26.63 8.44 -1.15
C GLY A 111 -25.76 9.58 -1.69
N VAL A 112 -24.58 9.75 -1.11
CA VAL A 112 -23.69 10.83 -1.51
C VAL A 112 -22.85 10.42 -2.71
N ASP A 113 -22.85 11.26 -3.75
CA ASP A 113 -22.08 11.02 -4.97
C ASP A 113 -20.63 11.49 -4.84
N THR A 114 -19.71 10.88 -5.59
CA THR A 114 -18.34 11.37 -5.66
C THR A 114 -17.93 11.58 -7.09
N PHE A 115 -17.42 12.77 -7.37
CA PHE A 115 -16.90 13.09 -8.68
C PHE A 115 -15.39 13.18 -8.58
N PHE A 116 -14.71 12.47 -9.46
CA PHE A 116 -13.25 12.54 -9.50
C PHE A 116 -12.77 13.35 -10.66
N VAL A 117 -11.68 14.10 -10.45
CA VAL A 117 -11.08 14.83 -11.55
CA VAL A 117 -11.05 14.87 -11.51
C VAL A 117 -9.60 14.46 -11.66
N ALA A 118 -9.12 14.33 -12.89
CA ALA A 118 -7.71 14.09 -13.12
C ALA A 118 -6.96 15.37 -12.80
N THR A 119 -6.03 15.30 -11.86
CA THR A 119 -5.29 16.48 -11.47
C THR A 119 -4.30 16.94 -12.55
N ALA A 120 -4.02 18.24 -12.56
CA ALA A 120 -3.06 18.80 -13.49
C ALA A 120 -1.75 18.03 -13.37
N PRO A 121 -1.19 17.66 -14.52
CA PRO A 121 -0.04 16.74 -14.52
C PRO A 121 1.26 17.33 -13.95
N ALA A 122 1.46 18.63 -14.00
CA ALA A 122 2.76 19.21 -13.62
C ALA A 122 3.17 18.80 -12.21
N TYR A 123 2.23 18.86 -11.28
CA TYR A 123 2.57 18.68 -9.88
C TYR A 123 1.84 17.53 -9.24
N SER A 124 1.24 16.68 -10.07
CA SER A 124 0.38 15.62 -9.58
C SER A 124 1.11 14.65 -8.65
N PHE A 125 2.39 14.42 -8.90
CA PHE A 125 3.17 13.47 -8.12
C PHE A 125 3.46 13.95 -6.70
N VAL A 126 3.23 15.23 -6.43
CA VAL A 126 3.56 15.76 -5.10
C VAL A 126 2.40 15.57 -4.15
N SER A 127 2.54 14.58 -3.26
CA SER A 127 1.58 14.34 -2.19
C SER A 127 2.04 15.07 -0.93
N SER A 128 1.10 15.27 -0.02
CA SER A 128 1.42 15.90 1.26
C SER A 128 2.52 15.15 1.98
N SER A 129 2.43 13.81 1.99
CA SER A 129 3.36 13.00 2.75
CA SER A 129 3.36 12.97 2.73
C SER A 129 4.75 13.00 2.13
N LEU A 130 4.81 12.96 0.80
CA LEU A 130 6.10 12.93 0.11
C LEU A 130 6.81 14.25 0.26
N ALA A 131 6.06 15.34 0.18
CA ALA A 131 6.63 16.68 0.37
C ALA A 131 7.21 16.82 1.79
N LYS A 132 6.45 16.43 2.80
CA LYS A 132 6.96 16.47 4.17
C LYS A 132 8.22 15.61 4.35
N GLU A 133 8.18 14.39 3.83
CA GLU A 133 9.31 13.47 3.90
C GLU A 133 10.57 14.07 3.30
N VAL A 134 10.45 14.58 2.08
CA VAL A 134 11.58 15.14 1.37
C VAL A 134 12.09 16.37 2.10
N ALA A 135 11.18 17.23 2.55
CA ALA A 135 11.60 18.44 3.25
C ALA A 135 12.30 18.09 4.56
N THR A 136 11.85 17.03 5.23
CA THR A 136 12.45 16.61 6.51
C THR A 136 13.94 16.29 6.36
N TYR A 137 14.32 15.79 5.19
CA TYR A 137 15.72 15.45 4.95
C TYR A 137 16.44 16.45 4.07
N GLY A 138 15.91 17.67 3.99
CA GLY A 138 16.61 18.77 3.34
C GLY A 138 16.47 18.90 1.83
N GLY A 139 15.55 18.15 1.24
CA GLY A 139 15.31 18.28 -0.18
C GLY A 139 14.65 19.59 -0.54
N ASP A 140 15.04 20.16 -1.67
CA ASP A 140 14.51 21.44 -2.14
C ASP A 140 13.11 21.31 -2.76
N VAL A 141 12.08 21.67 -1.99
CA VAL A 141 10.70 21.54 -2.45
C VAL A 141 10.05 22.90 -2.67
N SER A 142 10.88 23.95 -2.73
CA SER A 142 10.40 25.31 -2.89
C SER A 142 9.58 25.55 -4.15
N ALA A 143 9.84 24.79 -5.21
CA ALA A 143 9.10 24.99 -6.45
C ALA A 143 7.89 24.06 -6.55
N LEU A 144 7.71 23.21 -5.55
CA LEU A 144 6.76 22.10 -5.65
C LEU A 144 5.58 22.24 -4.70
N LEU A 145 5.49 23.38 -4.02
CA LEU A 145 4.47 23.57 -3.00
C LEU A 145 3.87 24.96 -3.08
N PRO A 146 2.64 25.13 -2.57
CA PRO A 146 2.01 26.45 -2.52
C PRO A 146 2.85 27.44 -1.73
N ALA A 147 2.83 28.71 -2.14
CA ALA A 147 3.56 29.73 -1.38
C ALA A 147 3.03 29.84 0.06
N SER A 148 1.75 29.57 0.26
CA SER A 148 1.22 29.66 1.62
C SER A 148 1.75 28.56 2.53
N VAL A 149 2.39 27.54 1.94
CA VAL A 149 2.79 26.36 2.67
C VAL A 149 4.29 26.27 2.93
N HIS A 150 5.09 26.65 1.93
CA HIS A 150 6.51 26.24 1.91
C HIS A 150 7.31 26.67 3.13
N GLN A 151 7.36 27.96 3.40
CA GLN A 151 8.15 28.43 4.51
C GLN A 151 7.53 28.04 5.85
N ARG A 152 6.19 27.96 5.90
CA ARG A 152 5.54 27.43 7.09
C ARG A 152 5.99 26.00 7.36
N LEU A 153 6.13 25.22 6.29
CA LEU A 153 6.60 23.84 6.45
C LEU A 153 8.05 23.79 6.93
N LEU A 154 8.91 24.62 6.34
CA LEU A 154 10.30 24.66 6.83
C LEU A 154 10.36 25.09 8.29
N GLY A 155 9.49 26.01 8.68
CA GLY A 155 9.41 26.50 10.04
C GLY A 155 9.09 25.37 10.99
N LYS A 156 8.13 24.54 10.62
CA LYS A 156 7.74 23.42 11.47
C LYS A 156 8.90 22.45 11.65
N LEU A 157 9.55 22.11 10.54
CA LEU A 157 10.63 21.14 10.57
C LEU A 157 11.84 21.62 11.39
N ARG A 158 12.01 22.93 11.48
CA ARG A 158 13.13 23.46 12.27
C ARG A 158 12.70 23.88 13.67
N MET B 2 33.38 10.16 -17.52
CA MET B 2 32.91 8.81 -17.28
C MET B 2 31.45 8.79 -16.79
N THR B 3 30.69 7.83 -17.30
CA THR B 3 29.27 7.66 -16.93
C THR B 3 29.12 6.89 -15.62
N GLY B 4 27.96 7.01 -14.98
CA GLY B 4 27.77 6.32 -13.73
C GLY B 4 26.35 6.36 -13.21
N ALA B 5 26.06 5.41 -12.31
CA ALA B 5 24.75 5.33 -11.67
C ALA B 5 24.84 4.78 -10.23
N VAL B 6 23.84 5.10 -9.42
CA VAL B 6 23.73 4.59 -8.07
C VAL B 6 22.58 3.60 -8.00
N CYS B 7 22.83 2.46 -7.37
CA CYS B 7 21.81 1.45 -7.13
CA CYS B 7 21.79 1.46 -7.12
C CYS B 7 21.46 1.43 -5.65
N PRO B 8 20.37 2.11 -5.26
CA PRO B 8 20.05 2.26 -3.84
C PRO B 8 19.11 1.17 -3.32
N GLY B 9 19.19 0.90 -2.02
CA GLY B 9 18.26 -0.02 -1.41
C GLY B 9 18.61 -0.32 0.02
N SER B 10 17.75 -1.04 0.72
CA SER B 10 18.10 -1.49 2.06
C SER B 10 18.86 -2.81 2.01
N PHE B 11 18.58 -3.62 0.97
CA PHE B 11 19.24 -4.90 0.72
C PHE B 11 19.41 -5.73 1.99
N ASP B 12 18.30 -6.04 2.65
CA ASP B 12 18.32 -6.71 3.94
C ASP B 12 17.50 -7.99 3.92
N PRO B 13 18.03 -9.06 3.28
CA PRO B 13 19.31 -9.12 2.56
C PRO B 13 19.15 -8.91 1.05
N VAL B 14 20.28 -8.81 0.36
CA VAL B 14 20.28 -8.69 -1.09
C VAL B 14 19.67 -9.95 -1.67
N THR B 15 18.84 -9.79 -2.70
CA THR B 15 18.23 -10.92 -3.41
C THR B 15 18.88 -11.18 -4.77
N LEU B 16 18.53 -12.30 -5.40
CA LEU B 16 19.01 -12.56 -6.75
C LEU B 16 18.46 -11.54 -7.74
N GLY B 17 17.27 -10.99 -7.46
CA GLY B 17 16.74 -9.90 -8.26
C GLY B 17 17.58 -8.64 -8.18
N HIS B 18 18.01 -8.27 -6.98
CA HIS B 18 18.88 -7.12 -6.81
C HIS B 18 20.19 -7.32 -7.56
N LEU B 19 20.76 -8.51 -7.44
CA LEU B 19 22.03 -8.82 -8.06
CA LEU B 19 22.04 -8.77 -8.07
C LEU B 19 21.93 -8.62 -9.56
N ASP B 20 20.81 -9.06 -10.13
CA ASP B 20 20.55 -8.92 -11.55
C ASP B 20 20.57 -7.46 -11.95
N VAL B 21 19.97 -6.61 -11.13
CA VAL B 21 19.99 -5.17 -11.39
C VAL B 21 21.42 -4.62 -11.37
N PHE B 22 22.19 -5.03 -10.36
CA PHE B 22 23.57 -4.58 -10.24
C PHE B 22 24.38 -4.94 -11.47
N GLU B 23 24.24 -6.18 -11.93
CA GLU B 23 25.00 -6.66 -13.08
C GLU B 23 24.63 -5.91 -14.33
N ARG B 24 23.34 -5.63 -14.49
CA ARG B 24 22.88 -4.93 -15.69
CA ARG B 24 22.90 -4.94 -15.69
C ARG B 24 23.39 -3.50 -15.68
N ALA B 25 23.37 -2.87 -14.51
CA ALA B 25 23.91 -1.53 -14.39
C ALA B 25 25.41 -1.50 -14.68
N ALA B 26 26.15 -2.44 -14.11
CA ALA B 26 27.61 -2.49 -14.26
C ALA B 26 27.97 -2.71 -15.72
N ALA B 27 27.09 -3.40 -16.46
CA ALA B 27 27.35 -3.63 -17.87
C ALA B 27 27.16 -2.39 -18.74
N GLN B 28 26.38 -1.41 -18.25
CA GLN B 28 26.00 -0.28 -19.11
C GLN B 28 26.55 1.07 -18.68
N PHE B 29 27.05 1.16 -17.45
CA PHE B 29 27.64 2.40 -16.95
C PHE B 29 29.11 2.20 -16.61
N ASP B 30 29.93 3.24 -16.78
CA ASP B 30 31.35 3.12 -16.48
C ASP B 30 31.61 2.80 -15.00
N GLU B 31 30.83 3.41 -14.11
CA GLU B 31 30.92 3.09 -12.69
C GLU B 31 29.54 2.93 -12.06
N VAL B 32 29.44 2.02 -11.11
CA VAL B 32 28.19 1.83 -10.37
C VAL B 32 28.50 1.81 -8.88
N ILE B 33 27.70 2.55 -8.11
CA ILE B 33 27.81 2.51 -6.67
C ILE B 33 26.52 1.92 -6.12
N VAL B 34 26.64 0.87 -5.33
CA VAL B 34 25.50 0.30 -4.64
C VAL B 34 25.45 1.02 -3.30
N ALA B 35 24.30 1.66 -3.02
CA ALA B 35 24.15 2.45 -1.80
C ALA B 35 23.25 1.71 -0.83
N VAL B 36 23.77 1.38 0.34
CA VAL B 36 23.05 0.56 1.29
C VAL B 36 22.52 1.49 2.37
N LEU B 37 21.21 1.56 2.50
CA LEU B 37 20.57 2.56 3.36
C LEU B 37 20.77 2.24 4.83
N ILE B 38 21.32 3.19 5.58
CA ILE B 38 21.28 3.05 7.03
C ILE B 38 20.02 3.75 7.52
N ASN B 39 19.12 2.96 8.08
CA ASN B 39 17.88 3.47 8.63
C ASN B 39 18.02 3.52 10.14
N PRO B 40 18.25 4.73 10.69
CA PRO B 40 18.50 4.82 12.13
C PRO B 40 17.24 4.54 12.96
N ASN B 41 16.08 4.64 12.32
CA ASN B 41 14.82 4.34 13.01
C ASN B 41 14.54 2.85 13.01
N LYS B 42 14.26 2.30 11.83
CA LYS B 42 13.96 0.87 11.70
C LYS B 42 15.21 0.08 11.35
N ALA B 43 15.73 -0.67 12.32
CA ALA B 43 16.82 -1.60 12.06
C ALA B 43 16.24 -2.91 11.55
N GLY B 44 17.04 -3.68 10.81
CA GLY B 44 16.55 -4.88 10.19
C GLY B 44 17.22 -6.14 10.70
N MET B 45 17.26 -7.15 9.84
CA MET B 45 17.82 -8.43 10.25
C MET B 45 19.35 -8.40 10.29
N PHE B 46 19.96 -7.79 9.27
CA PHE B 46 21.43 -7.69 9.18
C PHE B 46 21.92 -6.26 9.44
N THR B 47 23.08 -6.12 10.09
CA THR B 47 23.69 -4.80 10.20
C THR B 47 24.11 -4.32 8.81
N VAL B 48 24.32 -3.02 8.64
CA VAL B 48 24.74 -2.51 7.34
C VAL B 48 26.10 -3.08 6.91
N ASP B 49 27.02 -3.27 7.86
CA ASP B 49 28.31 -3.89 7.50
C ASP B 49 28.09 -5.31 6.96
N GLU B 50 27.21 -6.07 7.59
CA GLU B 50 26.85 -7.39 7.13
C GLU B 50 26.26 -7.36 5.71
N ARG B 51 25.35 -6.40 5.49
CA ARG B 51 24.72 -6.23 4.19
C ARG B 51 25.74 -5.91 3.11
N ILE B 52 26.65 -4.99 3.44
CA ILE B 52 27.74 -4.64 2.52
C ILE B 52 28.63 -5.85 2.21
N GLU B 53 29.03 -6.65 3.20
CA GLU B 53 29.89 -7.77 2.87
C GLU B 53 29.16 -8.81 2.02
N MET B 54 27.87 -9.03 2.25
CA MET B 54 27.13 -9.96 1.41
C MET B 54 27.08 -9.48 -0.05
N ILE B 55 26.83 -8.19 -0.25
CA ILE B 55 26.82 -7.65 -1.60
C ILE B 55 28.19 -7.72 -2.26
N ARG B 56 29.23 -7.34 -1.52
CA ARG B 56 30.60 -7.45 -2.06
C ARG B 56 30.98 -8.85 -2.47
N GLU B 57 30.57 -9.83 -1.69
CA GLU B 57 30.83 -11.21 -2.06
C GLU B 57 30.18 -11.57 -3.39
N SER B 58 28.93 -11.19 -3.54
CA SER B 58 28.18 -11.50 -4.74
C SER B 58 28.57 -10.66 -5.97
N THR B 59 29.33 -9.58 -5.77
CA THR B 59 29.69 -8.72 -6.88
C THR B 59 31.21 -8.67 -7.03
N ALA B 60 31.86 -9.71 -6.55
CA ALA B 60 33.32 -9.75 -6.56
C ALA B 60 33.90 -9.64 -7.96
N ASP B 61 33.13 -10.04 -8.98
CA ASP B 61 33.62 -10.03 -10.36
CA ASP B 61 33.61 -10.02 -10.36
C ASP B 61 33.18 -8.79 -11.15
N LEU B 62 32.63 -7.80 -10.45
CA LEU B 62 32.25 -6.55 -11.09
C LEU B 62 33.21 -5.43 -10.66
N PRO B 63 34.32 -5.23 -11.41
CA PRO B 63 35.34 -4.32 -10.93
C PRO B 63 34.93 -2.85 -10.91
N ASN B 64 33.97 -2.48 -11.74
CA ASN B 64 33.48 -1.11 -11.79
C ASN B 64 32.31 -0.84 -10.84
N LEU B 65 31.95 -1.81 -10.02
CA LEU B 65 30.91 -1.62 -9.02
C LEU B 65 31.52 -1.57 -7.63
N ARG B 66 31.16 -0.56 -6.86
CA ARG B 66 31.54 -0.56 -5.47
C ARG B 66 30.33 -0.35 -4.57
N VAL B 67 30.48 -0.75 -3.32
CA VAL B 67 29.38 -0.78 -2.35
C VAL B 67 29.69 0.16 -1.18
N GLU B 68 28.73 1.04 -0.84
CA GLU B 68 28.90 2.04 0.21
C GLU B 68 27.62 2.16 1.01
N SER B 69 27.73 2.51 2.29
CA SER B 69 26.54 2.83 3.07
C SER B 69 26.12 4.26 2.78
N GLY B 70 24.82 4.53 2.88
CA GLY B 70 24.34 5.88 2.75
C GLY B 70 23.30 6.20 3.81
N GLN B 71 23.13 7.49 4.11
CA GLN B 71 22.06 7.94 5.01
C GLN B 71 21.45 9.22 4.51
N GLY B 72 20.16 9.40 4.76
CA GLY B 72 19.48 10.63 4.41
C GLY B 72 19.06 10.65 2.97
N LEU B 73 18.90 11.87 2.46
CA LEU B 73 18.32 12.12 1.16
C LEU B 73 19.14 11.48 0.05
N LEU B 74 18.52 10.61 -0.72
CA LEU B 74 19.26 9.87 -1.76
C LEU B 74 19.92 10.79 -2.78
N VAL B 75 19.23 11.85 -3.21
CA VAL B 75 19.80 12.66 -4.26
C VAL B 75 21.03 13.44 -3.79
N ASP B 76 21.16 13.66 -2.49
CA ASP B 76 22.42 14.22 -1.97
C ASP B 76 23.55 13.20 -2.07
N PHE B 77 23.28 11.97 -1.66
CA PHE B 77 24.26 10.89 -1.82
C PHE B 77 24.73 10.80 -3.28
N VAL B 78 23.79 10.84 -4.22
CA VAL B 78 24.12 10.71 -5.62
C VAL B 78 24.99 11.87 -6.10
N ARG B 79 24.58 13.10 -5.82
N ARG B 79 24.54 13.09 -5.81
CA ARG B 79 25.29 14.25 -6.37
CA ARG B 79 25.23 14.30 -6.27
C ARG B 79 26.62 14.51 -5.66
C ARG B 79 26.63 14.43 -5.68
N GLU B 80 26.77 14.05 -4.42
CA GLU B 80 28.05 14.16 -3.70
C GLU B 80 29.12 13.29 -4.33
N ARG B 81 28.69 12.31 -5.11
CA ARG B 81 29.63 11.43 -5.80
C ARG B 81 29.80 11.76 -7.28
N GLY B 82 29.27 12.91 -7.69
CA GLY B 82 29.50 13.39 -9.03
C GLY B 82 28.62 12.70 -10.06
N LEU B 83 27.54 12.08 -9.58
CA LEU B 83 26.64 11.34 -10.45
C LEU B 83 25.27 11.98 -10.49
N ASN B 84 24.44 11.57 -11.44
CA ASN B 84 23.06 12.07 -11.39
CA ASN B 84 23.12 12.13 -11.60
C ASN B 84 22.09 11.08 -12.06
N ALA B 85 22.37 9.81 -11.78
CA ALA B 85 21.49 8.73 -12.27
C ALA B 85 21.36 7.68 -11.20
N ILE B 86 20.13 7.17 -11.09
CA ILE B 86 19.76 6.08 -10.20
C ILE B 86 19.26 4.92 -11.03
N VAL B 87 19.68 3.70 -10.72
CA VAL B 87 19.13 2.53 -11.40
C VAL B 87 18.45 1.61 -10.41
N LYS B 88 17.18 1.27 -10.68
CA LYS B 88 16.39 0.40 -9.81
C LYS B 88 15.64 -0.67 -10.59
N GLY B 89 15.33 -1.77 -9.94
CA GLY B 89 14.54 -2.80 -10.59
C GLY B 89 13.06 -2.55 -10.41
N LEU B 90 12.27 -3.02 -11.37
CA LEU B 90 10.82 -3.03 -11.21
C LEU B 90 10.36 -4.46 -11.49
N ARG B 91 9.54 -5.02 -10.61
CA ARG B 91 8.99 -6.35 -10.88
C ARG B 91 7.65 -6.27 -11.62
N THR B 92 6.80 -5.31 -11.25
CA THR B 92 5.44 -5.21 -11.81
C THR B 92 4.98 -3.76 -11.98
N GLY B 93 3.78 -3.60 -12.54
CA GLY B 93 3.15 -2.30 -12.69
C GLY B 93 2.92 -1.58 -11.37
N THR B 94 2.68 -2.35 -10.31
CA THR B 94 2.49 -1.74 -9.00
C THR B 94 3.82 -1.20 -8.42
N ASP B 95 4.94 -1.83 -8.77
CA ASP B 95 6.22 -1.30 -8.32
C ASP B 95 6.41 0.05 -8.99
N PHE B 96 6.07 0.11 -10.27
CA PHE B 96 6.22 1.33 -11.01
C PHE B 96 5.51 2.50 -10.34
N GLU B 97 4.40 2.25 -9.63
CA GLU B 97 3.54 3.31 -9.08
C GLU B 97 4.09 4.13 -7.89
N TYR B 98 4.46 3.51 -6.79
CA TYR B 98 5.10 4.29 -5.74
C TYR B 98 6.49 4.75 -6.19
N GLU B 99 7.17 3.92 -6.97
CA GLU B 99 8.51 4.30 -7.43
C GLU B 99 8.45 5.51 -8.35
N LEU B 100 7.38 5.59 -9.15
CA LEU B 100 7.23 6.69 -10.09
C LEU B 100 7.20 8.06 -9.42
N GLN B 101 6.43 8.18 -8.34
CA GLN B 101 6.34 9.45 -7.62
C GLN B 101 7.72 9.91 -7.17
N MET B 102 8.44 9.00 -6.53
CA MET B 102 9.77 9.33 -6.05
C MET B 102 10.72 9.64 -7.20
N ALA B 103 10.58 8.95 -8.32
CA ALA B 103 11.46 9.24 -9.44
C ALA B 103 11.23 10.66 -9.92
N GLN B 104 9.97 11.05 -10.05
CA GLN B 104 9.62 12.40 -10.42
CA GLN B 104 9.68 12.41 -10.47
C GLN B 104 10.14 13.42 -9.43
N MET B 105 9.96 13.11 -8.16
CA MET B 105 10.44 14.01 -7.11
C MET B 105 11.95 14.20 -7.23
N ASN B 106 12.69 13.10 -7.35
CA ASN B 106 14.14 13.18 -7.42
C ASN B 106 14.64 13.99 -8.63
N LYS B 107 13.97 13.85 -9.76
CA LYS B 107 14.33 14.61 -10.94
C LYS B 107 14.08 16.10 -10.72
N HIS B 108 12.95 16.40 -10.08
CA HIS B 108 12.58 17.81 -9.88
C HIS B 108 13.43 18.50 -8.82
N ILE B 109 13.71 17.83 -7.71
CA ILE B 109 14.44 18.53 -6.64
C ILE B 109 15.95 18.58 -6.88
N ALA B 110 16.49 17.69 -7.71
CA ALA B 110 17.95 17.61 -7.84
C ALA B 110 18.46 17.32 -9.25
N GLY B 111 17.56 17.15 -10.20
CA GLY B 111 17.96 16.85 -11.57
C GLY B 111 18.50 15.45 -11.76
N VAL B 112 18.22 14.56 -10.80
CA VAL B 112 18.72 13.18 -10.87
C VAL B 112 17.74 12.29 -11.60
N ASP B 113 18.23 11.58 -12.62
CA ASP B 113 17.39 10.73 -13.46
C ASP B 113 17.27 9.35 -12.83
N THR B 114 16.15 8.67 -13.06
CA THR B 114 16.03 7.29 -12.60
C THR B 114 15.77 6.41 -13.79
N PHE B 115 16.56 5.36 -13.88
CA PHE B 115 16.37 4.32 -14.86
C PHE B 115 15.86 3.09 -14.21
N PHE B 116 14.76 2.57 -14.72
CA PHE B 116 14.23 1.31 -14.23
C PHE B 116 14.57 0.16 -15.18
N VAL B 117 14.88 -1.00 -14.61
CA VAL B 117 15.03 -2.21 -15.41
C VAL B 117 14.06 -3.29 -14.95
N ALA B 118 13.52 -4.02 -15.92
CA ALA B 118 12.59 -5.07 -15.62
C ALA B 118 13.34 -6.28 -15.08
N THR B 119 12.87 -6.73 -13.93
CA THR B 119 13.41 -7.89 -13.25
C THR B 119 13.40 -9.12 -14.16
N ALA B 120 14.35 -10.02 -13.93
CA ALA B 120 14.32 -11.29 -14.64
C ALA B 120 13.08 -12.04 -14.15
N PRO B 121 12.40 -12.74 -15.07
CA PRO B 121 11.14 -13.40 -14.74
C PRO B 121 11.25 -14.41 -13.59
N ALA B 122 12.36 -15.13 -13.50
CA ALA B 122 12.47 -16.27 -12.58
C ALA B 122 12.36 -15.88 -11.11
N TYR B 123 12.73 -14.64 -10.80
CA TYR B 123 12.87 -14.17 -9.43
C TYR B 123 11.95 -12.99 -9.16
N SER B 124 10.92 -12.84 -9.99
CA SER B 124 10.08 -11.67 -9.95
C SER B 124 9.23 -11.61 -8.67
N PHE B 125 8.94 -12.76 -8.09
CA PHE B 125 8.10 -12.82 -6.90
C PHE B 125 8.90 -12.69 -5.60
N VAL B 126 10.22 -12.75 -5.67
CA VAL B 126 11.03 -12.65 -4.47
CA VAL B 126 11.00 -12.65 -4.45
C VAL B 126 11.19 -11.18 -4.05
N SER B 127 11.26 -10.98 -2.74
CA SER B 127 11.53 -9.68 -2.17
C SER B 127 12.25 -10.02 -0.89
N SER B 128 13.07 -9.11 -0.38
CA SER B 128 13.77 -9.39 0.86
C SER B 128 12.77 -9.74 1.95
N SER B 129 11.70 -8.96 2.04
CA SER B 129 10.70 -9.15 3.09
CA SER B 129 10.71 -9.14 3.09
C SER B 129 10.03 -10.51 3.01
N LEU B 130 9.63 -10.91 1.80
CA LEU B 130 8.94 -12.19 1.67
C LEU B 130 9.89 -13.37 1.90
N ALA B 131 11.13 -13.24 1.45
CA ALA B 131 12.12 -14.28 1.68
C ALA B 131 12.36 -14.48 3.20
N LYS B 132 12.47 -13.38 3.94
CA LYS B 132 12.68 -13.48 5.38
C LYS B 132 11.47 -14.10 6.06
N GLU B 133 10.28 -13.66 5.66
CA GLU B 133 9.06 -14.14 6.31
C GLU B 133 8.93 -15.64 6.13
N VAL B 134 9.09 -16.09 4.90
CA VAL B 134 9.02 -17.50 4.58
C VAL B 134 10.12 -18.30 5.29
N ALA B 135 11.33 -17.74 5.34
CA ALA B 135 12.43 -18.45 5.98
C ALA B 135 12.19 -18.56 7.49
N THR B 136 11.68 -17.48 8.10
CA THR B 136 11.45 -17.46 9.55
C THR B 136 10.56 -18.63 9.95
N TYR B 137 9.49 -18.83 9.19
CA TYR B 137 8.52 -19.88 9.50
C TYR B 137 8.89 -21.22 8.90
N GLY B 138 10.13 -21.36 8.45
CA GLY B 138 10.64 -22.66 8.05
C GLY B 138 10.71 -23.00 6.57
N GLY B 139 10.16 -22.15 5.71
CA GLY B 139 10.14 -22.40 4.28
C GLY B 139 11.52 -22.46 3.62
N ASP B 140 11.60 -23.07 2.43
CA ASP B 140 12.89 -23.30 1.77
C ASP B 140 13.16 -22.29 0.67
N VAL B 141 14.03 -21.33 0.96
CA VAL B 141 14.31 -20.21 0.06
C VAL B 141 15.73 -20.24 -0.52
N SER B 142 16.35 -21.42 -0.54
CA SER B 142 17.73 -21.55 -1.02
C SER B 142 17.92 -21.21 -2.50
N ALA B 143 16.89 -21.41 -3.31
CA ALA B 143 17.01 -21.15 -4.73
C ALA B 143 16.72 -19.69 -5.07
N LEU B 144 16.23 -18.96 -4.08
CA LEU B 144 15.78 -17.60 -4.31
C LEU B 144 16.77 -16.57 -3.80
N LEU B 145 17.83 -17.03 -3.16
CA LEU B 145 18.77 -16.11 -2.54
C LEU B 145 20.19 -16.42 -2.95
N PRO B 146 21.02 -15.37 -3.01
CA PRO B 146 22.41 -15.57 -3.39
C PRO B 146 23.12 -16.51 -2.42
N ALA B 147 24.18 -17.16 -2.87
CA ALA B 147 24.98 -17.98 -1.96
C ALA B 147 25.53 -17.17 -0.79
N SER B 148 25.80 -15.89 -1.02
CA SER B 148 26.38 -15.05 0.02
C SER B 148 25.42 -14.83 1.18
N VAL B 149 24.14 -15.17 0.96
CA VAL B 149 23.07 -14.78 1.86
C VAL B 149 22.43 -15.95 2.62
N HIS B 150 22.22 -17.06 1.93
CA HIS B 150 21.28 -18.06 2.41
C HIS B 150 21.68 -18.64 3.76
N GLN B 151 22.90 -19.14 3.84
CA GLN B 151 23.42 -19.69 5.08
C GLN B 151 23.49 -18.64 6.19
N ARG B 152 23.91 -17.42 5.86
CA ARG B 152 23.92 -16.34 6.86
C ARG B 152 22.51 -16.04 7.36
N LEU B 153 21.53 -16.12 6.47
CA LEU B 153 20.14 -15.90 6.83
C LEU B 153 19.67 -16.93 7.85
N LEU B 154 19.97 -18.19 7.59
CA LEU B 154 19.53 -19.27 8.48
C LEU B 154 20.17 -19.11 9.85
N GLY B 155 21.37 -18.54 9.88
CA GLY B 155 22.09 -18.31 11.12
C GLY B 155 21.41 -17.28 11.99
N LYS B 156 20.99 -16.17 11.39
CA LYS B 156 20.36 -15.09 12.13
C LYS B 156 18.99 -15.52 12.68
N LEU B 157 18.33 -16.43 11.98
CA LEU B 157 17.02 -16.91 12.40
C LEU B 157 17.13 -17.80 13.63
N ARG B 158 18.22 -18.55 13.71
CA ARG B 158 18.47 -19.43 14.86
C ARG B 158 18.97 -18.63 16.06
N SER C 1 -10.70 -38.80 -7.29
CA SER C 1 -12.00 -38.22 -7.00
C SER C 1 -12.05 -37.60 -5.60
N MET C 2 -10.89 -37.16 -5.11
CA MET C 2 -10.80 -36.55 -3.78
C MET C 2 -10.08 -35.21 -3.86
N THR C 3 -10.79 -34.19 -4.36
CA THR C 3 -10.23 -32.87 -4.57
C THR C 3 -10.49 -31.98 -3.36
N GLY C 4 -9.82 -30.84 -3.26
CA GLY C 4 -9.99 -29.99 -2.09
C GLY C 4 -9.19 -28.72 -2.09
N ALA C 5 -9.69 -27.72 -1.38
CA ALA C 5 -9.02 -26.43 -1.31
C ALA C 5 -9.13 -25.81 0.06
N VAL C 6 -8.19 -24.94 0.38
CA VAL C 6 -8.21 -24.17 1.63
C VAL C 6 -8.54 -22.71 1.29
N CYS C 7 -9.50 -22.14 2.02
CA CYS C 7 -9.82 -20.71 1.89
C CYS C 7 -9.32 -19.94 3.10
N PRO C 8 -8.17 -19.25 2.98
CA PRO C 8 -7.55 -18.55 4.10
C PRO C 8 -7.96 -17.09 4.24
N GLY C 9 -7.86 -16.57 5.45
CA GLY C 9 -8.01 -15.14 5.67
C GLY C 9 -8.14 -14.84 7.15
N SER C 10 -8.20 -13.57 7.50
CA SER C 10 -8.45 -13.18 8.91
C SER C 10 -9.93 -13.18 9.27
N PHE C 11 -10.79 -12.87 8.30
CA PHE C 11 -12.23 -12.88 8.49
C PHE C 11 -12.71 -12.22 9.79
N ASP C 12 -12.39 -10.93 9.92
CA ASP C 12 -12.60 -10.19 11.16
C ASP C 12 -13.45 -8.92 10.96
N PRO C 13 -14.76 -9.08 10.70
CA PRO C 13 -15.51 -10.33 10.58
C PRO C 13 -15.65 -10.77 9.13
N VAL C 14 -16.09 -12.00 8.92
CA VAL C 14 -16.47 -12.48 7.60
C VAL C 14 -17.55 -11.58 6.99
N THR C 15 -17.41 -11.32 5.69
CA THR C 15 -18.37 -10.51 4.93
C THR C 15 -19.14 -11.36 3.92
N LEU C 16 -20.17 -10.78 3.33
CA LEU C 16 -20.92 -11.48 2.29
C LEU C 16 -20.02 -11.83 1.11
N GLY C 17 -19.00 -11.00 0.89
CA GLY C 17 -18.00 -11.26 -0.13
C GLY C 17 -17.22 -12.54 0.15
N HIS C 18 -16.83 -12.71 1.40
CA HIS C 18 -16.10 -13.92 1.79
C HIS C 18 -16.98 -15.14 1.67
N LEU C 19 -18.21 -15.03 2.16
CA LEU C 19 -19.17 -16.14 2.10
C LEU C 19 -19.37 -16.59 0.66
N ASP C 20 -19.41 -15.64 -0.24
CA ASP C 20 -19.61 -15.93 -1.64
C ASP C 20 -18.45 -16.79 -2.17
N VAL C 21 -17.22 -16.42 -1.82
CA VAL C 21 -16.05 -17.20 -2.18
C VAL C 21 -16.14 -18.63 -1.62
N PHE C 22 -16.52 -18.74 -0.35
CA PHE C 22 -16.64 -20.07 0.26
C PHE C 22 -17.64 -20.93 -0.48
N GLU C 23 -18.82 -20.36 -0.74
CA GLU C 23 -19.85 -21.07 -1.48
C GLU C 23 -19.35 -21.50 -2.86
N ARG C 24 -18.63 -20.61 -3.54
CA ARG C 24 -18.16 -20.92 -4.88
CA ARG C 24 -18.17 -20.92 -4.89
C ARG C 24 -17.07 -21.98 -4.84
N ALA C 25 -16.22 -21.93 -3.82
CA ALA C 25 -15.20 -22.98 -3.65
C ALA C 25 -15.89 -24.32 -3.37
N ALA C 26 -16.85 -24.31 -2.46
CA ALA C 26 -17.52 -25.55 -2.04
C ALA C 26 -18.31 -26.21 -3.17
N ALA C 27 -18.73 -25.41 -4.16
CA ALA C 27 -19.39 -25.95 -5.34
C ALA C 27 -18.45 -26.67 -6.31
N GLN C 28 -17.15 -26.40 -6.23
CA GLN C 28 -16.24 -26.93 -7.24
C GLN C 28 -15.16 -27.89 -6.73
N PHE C 29 -15.05 -28.04 -5.41
CA PHE C 29 -14.09 -28.96 -4.83
C PHE C 29 -14.84 -29.90 -3.87
N ASP C 30 -14.37 -31.12 -3.70
CA ASP C 30 -15.07 -32.08 -2.83
C ASP C 30 -15.00 -31.65 -1.36
N GLU C 31 -13.89 -31.02 -0.98
CA GLU C 31 -13.66 -30.62 0.39
C GLU C 31 -13.14 -29.19 0.41
N VAL C 32 -13.69 -28.36 1.29
CA VAL C 32 -13.17 -27.00 1.49
C VAL C 32 -12.95 -26.75 2.97
N ILE C 33 -11.77 -26.26 3.31
CA ILE C 33 -11.44 -25.88 4.66
C ILE C 33 -11.21 -24.39 4.72
N VAL C 34 -11.98 -23.70 5.55
CA VAL C 34 -11.75 -22.29 5.79
C VAL C 34 -10.75 -22.15 6.92
N ALA C 35 -9.65 -21.46 6.63
CA ALA C 35 -8.57 -21.29 7.60
C ALA C 35 -8.56 -19.89 8.15
N VAL C 36 -8.95 -19.77 9.42
CA VAL C 36 -9.01 -18.48 10.09
C VAL C 36 -7.67 -18.18 10.74
N LEU C 37 -7.04 -17.10 10.32
CA LEU C 37 -5.69 -16.77 10.78
C LEU C 37 -5.67 -16.33 12.24
N ILE C 38 -4.75 -16.91 13.00
CA ILE C 38 -4.41 -16.42 14.35
C ILE C 38 -3.18 -15.53 14.28
N ASN C 39 -3.32 -14.26 14.64
CA ASN C 39 -2.17 -13.36 14.56
C ASN C 39 -1.91 -12.59 15.86
N PRO C 40 -0.82 -12.95 16.58
CA PRO C 40 -0.19 -12.23 17.70
C PRO C 40 -0.16 -10.71 17.45
N ALA C 43 -4.17 -8.31 16.52
CA ALA C 43 -5.04 -7.40 17.26
C ALA C 43 -6.38 -7.23 16.55
N GLY C 44 -7.29 -8.17 16.78
CA GLY C 44 -8.57 -8.17 16.08
C GLY C 44 -9.74 -7.71 16.94
N MET C 45 -10.85 -7.42 16.29
N MET C 45 -10.87 -7.46 16.30
CA MET C 45 -12.07 -7.03 16.97
CA MET C 45 -12.06 -7.02 17.04
C MET C 45 -12.78 -8.25 17.52
C MET C 45 -12.96 -8.20 17.41
N PHE C 46 -12.72 -9.34 16.76
CA PHE C 46 -13.32 -10.59 17.17
C PHE C 46 -12.20 -11.57 17.49
N THR C 47 -12.41 -12.40 18.50
CA THR C 47 -11.45 -13.47 18.79
C THR C 47 -11.54 -14.54 17.72
N VAL C 48 -10.49 -15.33 17.59
CA VAL C 48 -10.49 -16.39 16.59
C VAL C 48 -11.70 -17.32 16.77
N ASP C 49 -12.04 -17.68 18.01
CA ASP C 49 -13.21 -18.53 18.23
C ASP C 49 -14.51 -17.87 17.77
N GLU C 50 -14.64 -16.57 18.03
CA GLU C 50 -15.82 -15.81 17.59
C GLU C 50 -15.92 -15.80 16.05
N ARG C 51 -14.80 -15.55 15.39
CA ARG C 51 -14.78 -15.53 13.92
C ARG C 51 -15.17 -16.89 13.35
N ILE C 52 -14.66 -17.95 13.98
CA ILE C 52 -14.96 -19.31 13.53
C ILE C 52 -16.44 -19.58 13.67
N GLU C 53 -16.99 -19.19 14.82
CA GLU C 53 -18.42 -19.30 15.09
C GLU C 53 -19.25 -18.61 14.02
N MET C 54 -18.89 -17.39 13.68
CA MET C 54 -19.69 -16.63 12.72
C MET C 54 -19.71 -17.27 11.33
N ILE C 55 -18.58 -17.87 10.95
CA ILE C 55 -18.48 -18.51 9.65
C ILE C 55 -19.29 -19.80 9.61
N ARG C 56 -19.18 -20.61 10.67
CA ARG C 56 -19.96 -21.84 10.79
C ARG C 56 -21.47 -21.55 10.70
N GLU C 57 -21.94 -20.54 11.41
CA GLU C 57 -23.36 -20.20 11.36
C GLU C 57 -23.79 -19.82 9.95
N SER C 58 -22.90 -19.17 9.20
CA SER C 58 -23.25 -18.73 7.84
C SER C 58 -23.00 -19.78 6.75
N THR C 59 -22.40 -20.90 7.09
CA THR C 59 -22.08 -21.90 6.07
C THR C 59 -22.71 -23.25 6.38
N ALA C 60 -23.68 -23.25 7.29
CA ALA C 60 -24.31 -24.49 7.75
C ALA C 60 -24.97 -25.24 6.60
N ASP C 61 -25.31 -24.55 5.52
CA ASP C 61 -25.90 -25.18 4.34
C ASP C 61 -24.86 -25.77 3.39
N LEU C 62 -23.58 -25.61 3.74
CA LEU C 62 -22.49 -26.17 2.95
C LEU C 62 -21.91 -27.41 3.66
N PRO C 63 -22.35 -28.60 3.24
CA PRO C 63 -22.02 -29.88 3.88
C PRO C 63 -20.55 -30.29 3.76
N ASN C 64 -19.88 -29.81 2.71
CA ASN C 64 -18.49 -30.19 2.46
C ASN C 64 -17.49 -29.11 2.87
N LEU C 65 -17.88 -28.28 3.83
CA LEU C 65 -17.02 -27.20 4.28
C LEU C 65 -16.81 -27.27 5.78
N ARG C 66 -15.58 -27.05 6.22
CA ARG C 66 -15.32 -26.94 7.65
CA ARG C 66 -15.32 -26.94 7.65
C ARG C 66 -14.41 -25.76 7.94
N VAL C 67 -14.35 -25.37 9.20
CA VAL C 67 -13.61 -24.19 9.62
C VAL C 67 -12.62 -24.56 10.72
N GLU C 68 -11.41 -24.03 10.61
CA GLU C 68 -10.35 -24.27 11.57
C GLU C 68 -9.53 -23.02 11.74
N SER C 69 -8.86 -22.90 12.87
CA SER C 69 -7.88 -21.84 13.00
C SER C 69 -6.56 -22.35 12.47
N GLY C 70 -5.71 -21.42 12.03
CA GLY C 70 -4.39 -21.78 11.54
C GLY C 70 -3.38 -20.76 11.98
N GLN C 71 -2.11 -21.17 11.99
CA GLN C 71 -1.00 -20.31 12.38
C GLN C 71 0.24 -20.74 11.60
N GLY C 72 1.19 -19.82 11.44
CA GLY C 72 2.43 -20.15 10.76
C GLY C 72 2.28 -20.09 9.24
N LEU C 73 3.21 -20.72 8.53
CA LEU C 73 3.16 -20.77 7.06
C LEU C 73 1.86 -21.37 6.58
N LEU C 74 1.15 -20.66 5.72
CA LEU C 74 -0.06 -21.21 5.11
C LEU C 74 0.18 -22.53 4.38
N VAL C 75 1.29 -22.66 3.67
CA VAL C 75 1.51 -23.88 2.90
C VAL C 75 1.69 -25.08 3.83
N ASP C 76 2.16 -24.85 5.06
CA ASP C 76 2.26 -25.93 6.03
C ASP C 76 0.87 -26.39 6.46
N PHE C 77 -0.03 -25.43 6.69
CA PHE C 77 -1.42 -25.71 7.05
C PHE C 77 -2.07 -26.56 5.97
N VAL C 78 -1.88 -26.15 4.73
CA VAL C 78 -2.51 -26.82 3.61
C VAL C 78 -1.99 -28.24 3.45
N ARG C 79 -0.68 -28.40 3.48
CA ARG C 79 -0.08 -29.71 3.22
C ARG C 79 -0.32 -30.69 4.37
N GLU C 80 -0.42 -30.19 5.60
CA GLU C 80 -0.68 -31.06 6.74
C GLU C 80 -2.10 -31.64 6.67
N ARG C 81 -2.97 -31.05 5.84
CA ARG C 81 -4.32 -31.59 5.67
C ARG C 81 -4.50 -32.38 4.39
N GLY C 82 -3.38 -32.66 3.73
CA GLY C 82 -3.37 -33.51 2.56
C GLY C 82 -3.83 -32.79 1.31
N LEU C 83 -3.85 -31.46 1.35
CA LEU C 83 -4.32 -30.69 0.21
C LEU C 83 -3.18 -29.93 -0.44
N ASN C 84 -3.42 -29.37 -1.63
CA ASN C 84 -2.42 -28.48 -2.21
C ASN C 84 -3.03 -27.39 -3.08
N ALA C 85 -4.18 -26.89 -2.65
CA ALA C 85 -4.80 -25.77 -3.34
C ALA C 85 -5.36 -24.77 -2.35
N ILE C 86 -5.18 -23.51 -2.69
CA ILE C 86 -5.72 -22.36 -1.96
C ILE C 86 -6.67 -21.65 -2.90
N VAL C 87 -7.83 -21.21 -2.39
CA VAL C 87 -8.80 -20.43 -3.17
C VAL C 87 -9.04 -19.10 -2.46
N LYS C 88 -8.85 -17.99 -3.18
CA LYS C 88 -9.03 -16.66 -2.59
C LYS C 88 -9.81 -15.78 -3.55
N GLY C 89 -10.58 -14.83 -3.02
CA GLY C 89 -11.27 -13.88 -3.90
C GLY C 89 -10.41 -12.66 -4.20
N LEU C 90 -10.61 -12.08 -5.38
CA LEU C 90 -9.96 -10.85 -5.77
C LEU C 90 -10.98 -9.81 -6.20
N ARG C 91 -10.78 -8.55 -5.80
CA ARG C 91 -11.71 -7.51 -6.24
C ARG C 91 -11.14 -6.72 -7.43
N THR C 92 -9.84 -6.43 -7.40
CA THR C 92 -9.22 -5.57 -8.40
C THR C 92 -7.86 -6.08 -8.89
N GLY C 93 -7.32 -5.40 -9.89
CA GLY C 93 -6.06 -5.79 -10.51
C GLY C 93 -4.83 -5.61 -9.62
N THR C 94 -4.94 -4.73 -8.63
CA THR C 94 -3.84 -4.52 -7.70
C THR C 94 -3.92 -5.56 -6.57
N ASP C 95 -5.13 -5.99 -6.22
CA ASP C 95 -5.30 -7.19 -5.41
C ASP C 95 -4.54 -8.34 -6.04
N PHE C 96 -4.69 -8.48 -7.35
CA PHE C 96 -4.02 -9.56 -8.06
C PHE C 96 -2.51 -9.46 -7.91
N GLU C 97 -1.98 -8.25 -8.08
CA GLU C 97 -0.54 -8.02 -7.99
C GLU C 97 0.03 -8.46 -6.64
N TYR C 98 -0.59 -7.98 -5.56
CA TYR C 98 -0.19 -8.37 -4.23
C TYR C 98 -0.18 -9.89 -4.09
N GLU C 99 -1.30 -10.50 -4.46
CA GLU C 99 -1.51 -11.94 -4.29
C GLU C 99 -0.71 -12.82 -5.25
N LEU C 100 -0.41 -12.33 -6.44
CA LEU C 100 0.37 -13.12 -7.37
C LEU C 100 1.76 -13.48 -6.80
N GLN C 101 2.38 -12.51 -6.14
CA GLN C 101 3.68 -12.71 -5.53
C GLN C 101 3.63 -13.88 -4.55
N MET C 102 2.68 -13.81 -3.62
CA MET C 102 2.48 -14.85 -2.61
C MET C 102 2.15 -16.18 -3.26
N ALA C 103 1.31 -16.14 -4.29
CA ALA C 103 0.93 -17.39 -4.97
C ALA C 103 2.15 -18.05 -5.58
N GLN C 104 2.97 -17.28 -6.28
CA GLN C 104 4.15 -17.85 -6.93
C GLN C 104 5.17 -18.35 -5.90
N MET C 105 5.29 -17.61 -4.79
CA MET C 105 6.16 -18.07 -3.72
C MET C 105 5.65 -19.39 -3.12
N ASN C 106 4.35 -19.47 -2.87
CA ASN C 106 3.75 -20.69 -2.30
C ASN C 106 3.90 -21.91 -3.20
N LYS C 107 3.76 -21.70 -4.50
CA LYS C 107 3.95 -22.76 -5.47
C LYS C 107 5.42 -23.20 -5.45
N HIS C 108 6.31 -22.24 -5.32
CA HIS C 108 7.73 -22.54 -5.38
C HIS C 108 8.20 -23.32 -4.17
N ILE C 109 7.81 -22.89 -2.96
CA ILE C 109 8.37 -23.50 -1.77
C ILE C 109 7.65 -24.78 -1.36
N ALA C 110 6.43 -25.00 -1.82
CA ALA C 110 5.69 -26.15 -1.32
C ALA C 110 4.80 -26.84 -2.34
N GLY C 111 4.80 -26.37 -3.58
CA GLY C 111 4.01 -27.00 -4.61
C GLY C 111 2.51 -26.81 -4.45
N VAL C 112 2.14 -25.81 -3.67
CA VAL C 112 0.72 -25.55 -3.40
C VAL C 112 0.25 -24.50 -4.40
N ASP C 113 -0.81 -24.81 -5.11
CA ASP C 113 -1.32 -23.90 -6.13
C ASP C 113 -2.38 -22.96 -5.55
N THR C 114 -2.64 -21.87 -6.26
CA THR C 114 -3.62 -20.89 -5.80
C THR C 114 -4.59 -20.61 -6.93
N PHE C 115 -5.88 -20.71 -6.59
CA PHE C 115 -6.94 -20.38 -7.52
C PHE C 115 -7.65 -19.12 -7.05
N PHE C 116 -7.72 -18.11 -7.91
CA PHE C 116 -8.40 -16.87 -7.59
C PHE C 116 -9.78 -16.80 -8.24
N VAL C 117 -10.74 -16.23 -7.53
CA VAL C 117 -12.05 -15.96 -8.12
C VAL C 117 -12.38 -14.47 -8.05
N ALA C 118 -13.05 -13.95 -9.09
CA ALA C 118 -13.46 -12.56 -9.04
C ALA C 118 -14.63 -12.42 -8.06
N THR C 119 -14.56 -11.42 -7.17
CA THR C 119 -15.64 -11.26 -6.21
C THR C 119 -16.94 -10.89 -6.92
N ALA C 120 -18.07 -11.18 -6.29
CA ALA C 120 -19.35 -10.81 -6.84
C ALA C 120 -19.39 -9.29 -6.95
N PRO C 121 -19.96 -8.77 -8.05
CA PRO C 121 -19.91 -7.32 -8.29
C PRO C 121 -20.56 -6.52 -7.17
N ALA C 122 -21.64 -7.02 -6.58
CA ALA C 122 -22.35 -6.25 -5.57
C ALA C 122 -21.49 -5.93 -4.35
N TYR C 123 -20.38 -6.66 -4.19
CA TYR C 123 -19.48 -6.45 -3.04
C TYR C 123 -18.07 -6.03 -3.43
N SER C 124 -17.92 -5.40 -4.58
CA SER C 124 -16.60 -4.95 -5.01
C SER C 124 -15.94 -4.01 -4.01
N PHE C 125 -16.77 -3.34 -3.20
CA PHE C 125 -16.28 -2.31 -2.28
C PHE C 125 -16.31 -2.72 -0.81
N VAL C 126 -16.71 -3.94 -0.50
CA VAL C 126 -16.78 -4.35 0.89
CA VAL C 126 -16.77 -4.34 0.89
C VAL C 126 -15.44 -4.95 1.31
N SER C 127 -15.06 -4.67 2.55
CA SER C 127 -13.92 -5.32 3.16
C SER C 127 -14.25 -5.29 4.65
N SER C 128 -13.63 -6.17 5.41
CA SER C 128 -13.90 -6.23 6.84
C SER C 128 -13.56 -4.90 7.51
N SER C 129 -12.44 -4.32 7.11
CA SER C 129 -11.94 -3.09 7.70
CA SER C 129 -11.95 -3.09 7.72
C SER C 129 -12.85 -1.90 7.44
N LEU C 130 -13.30 -1.74 6.19
CA LEU C 130 -14.15 -0.60 5.87
C LEU C 130 -15.50 -0.73 6.55
N ALA C 131 -16.02 -1.94 6.59
CA ALA C 131 -17.26 -2.23 7.30
C ALA C 131 -17.16 -1.83 8.77
N LYS C 132 -16.02 -2.14 9.38
CA LYS C 132 -15.82 -1.89 10.80
C LYS C 132 -15.71 -0.39 11.07
N GLU C 133 -14.98 0.28 10.20
CA GLU C 133 -14.75 1.71 10.32
C GLU C 133 -16.06 2.46 10.19
N VAL C 134 -16.82 2.17 9.15
CA VAL C 134 -18.10 2.83 8.95
C VAL C 134 -19.08 2.58 10.11
N ALA C 135 -19.15 1.33 10.58
CA ALA C 135 -20.03 0.99 11.70
C ALA C 135 -19.62 1.72 12.97
N THR C 136 -18.32 1.83 13.19
CA THR C 136 -17.77 2.51 14.35
C THR C 136 -18.26 3.95 14.42
N TYR C 137 -18.35 4.60 13.26
CA TYR C 137 -18.78 6.00 13.19
C TYR C 137 -20.27 6.13 12.90
N GLY C 138 -21.01 5.04 13.08
CA GLY C 138 -22.46 5.09 13.04
C GLY C 138 -23.15 4.81 11.72
N GLY C 139 -22.37 4.51 10.68
CA GLY C 139 -22.93 4.21 9.38
C GLY C 139 -23.59 2.84 9.33
N ASP C 140 -24.56 2.67 8.42
CA ASP C 140 -25.29 1.40 8.32
C ASP C 140 -24.63 0.39 7.36
N VAL C 141 -24.07 -0.68 7.91
CA VAL C 141 -23.41 -1.71 7.11
C VAL C 141 -24.15 -3.06 7.14
N SER C 142 -25.43 -3.03 7.49
CA SER C 142 -26.22 -4.24 7.64
C SER C 142 -26.33 -5.08 6.37
N ALA C 143 -26.40 -4.42 5.21
CA ALA C 143 -26.57 -5.13 3.95
C ALA C 143 -25.26 -5.71 3.41
N LEU C 144 -24.16 -5.50 4.13
CA LEU C 144 -22.85 -5.95 3.64
C LEU C 144 -22.31 -7.12 4.45
N LEU C 145 -22.94 -7.37 5.59
CA LEU C 145 -22.50 -8.43 6.49
C LEU C 145 -23.61 -9.44 6.65
N PRO C 146 -23.25 -10.71 6.83
CA PRO C 146 -24.31 -11.70 7.05
C PRO C 146 -25.05 -11.41 8.35
N ALA C 147 -26.29 -11.88 8.43
CA ALA C 147 -27.14 -11.61 9.57
C ALA C 147 -26.48 -12.06 10.87
N SER C 148 -25.73 -13.17 10.80
CA SER C 148 -25.02 -13.67 11.96
C SER C 148 -24.07 -12.59 12.47
N VAL C 149 -23.25 -12.08 11.56
CA VAL C 149 -22.22 -11.10 11.90
C VAL C 149 -22.78 -9.76 12.36
N HIS C 150 -23.77 -9.23 11.65
CA HIS C 150 -24.20 -7.86 11.87
C HIS C 150 -24.61 -7.57 13.32
N GLN C 151 -25.42 -8.44 13.90
CA GLN C 151 -25.86 -8.21 15.28
C GLN C 151 -24.68 -8.32 16.23
N ARG C 152 -23.76 -9.25 15.97
CA ARG C 152 -22.62 -9.42 16.86
C ARG C 152 -21.68 -8.23 16.78
N LEU C 153 -21.65 -7.58 15.62
CA LEU C 153 -20.84 -6.39 15.45
C LEU C 153 -21.43 -5.22 16.23
N LEU C 154 -22.75 -5.12 16.22
CA LEU C 154 -23.45 -4.10 17.01
C LEU C 154 -23.03 -4.19 18.47
N GLY C 155 -23.17 -5.37 19.06
CA GLY C 155 -22.82 -5.59 20.45
C GLY C 155 -21.38 -5.26 20.79
N LYS C 156 -20.47 -5.52 19.85
CA LYS C 156 -19.05 -5.28 20.08
C LYS C 156 -18.75 -3.80 20.24
N LEU C 157 -19.49 -2.96 19.53
CA LEU C 157 -19.25 -1.52 19.60
C LEU C 157 -20.07 -0.92 20.74
N ARG C 158 -21.15 -1.60 21.10
CA ARG C 158 -22.02 -1.15 22.20
C ARG C 158 -21.36 -1.36 23.56
C13 9FN D . 15.76 8.19 1.84
C15 9FN D . 16.11 8.59 4.15
C17 9FN D . 15.20 10.29 2.74
O01 9FN D . 15.01 7.15 -0.15
C02 9FN D . 15.86 7.28 0.61
C03 9FN D . 17.10 6.51 0.47
C04 9FN D . 16.87 5.21 0.14
C05 9FN D . 17.90 4.37 -0.01
C06 9FN D . 19.13 4.85 0.23
CL 9FN D . 20.32 3.70 0.01
C08 9FN D . 19.41 6.19 0.57
C09 9FN D . 18.34 7.03 0.72
N10 9FN D . 20.72 6.65 0.85
O11 9FN D . 20.93 7.85 0.93
O12 9FN D . 21.73 5.76 1.04
C14 9FN D . 16.18 7.76 3.09
C16 9FN D . 15.61 9.87 3.97
C18 9FN D . 15.27 9.46 1.67
C19 9FN D . 14.84 9.93 0.32
O20 9FN D . 13.75 10.24 0.20
O21 9FN D . 15.64 10.01 -0.62
C13 9FN E . 1.19 -16.53 7.12
C15 9FN E . 2.24 -16.26 9.27
C17 9FN E . 3.51 -16.85 7.33
O01 9FN E . 0.03 -16.10 5.15
C02 9FN E . -0.04 -16.53 6.22
C03 9FN E . -1.32 -17.12 6.67
C04 9FN E . -2.51 -16.47 6.35
C05 9FN E . -3.70 -17.03 6.76
C06 9FN E . -3.71 -18.20 7.46
CL 9FN E . -5.24 -18.86 7.94
C08 9FN E . -2.51 -18.83 7.76
C09 9FN E . -1.32 -18.31 7.38
N10 9FN E . -2.47 -20.04 8.49
O11 9FN E . -1.59 -20.84 8.33
O12 9FN E . -3.43 -20.32 9.37
C14 9FN E . 1.12 -16.26 8.47
C16 9FN E . 3.46 -16.58 8.67
C18 9FN E . 2.40 -16.84 6.54
C19 9FN E . 2.51 -17.17 5.10
O20 9FN E . 1.84 -17.98 4.62
O21 9FN E . 3.35 -16.49 4.37
#